data_5DIC
#
_entry.id   5DIC
#
_cell.length_a   32.845
_cell.length_b   33.800
_cell.length_c   35.399
_cell.angle_alpha   105.35
_cell.angle_beta   106.44
_cell.angle_gamma   113.12
#
_symmetry.space_group_name_H-M   'P 1'
#
loop_
_entity.id
_entity.type
_entity.pdbx_description
1 polymer 'Odorant-binding protein'
2 non-polymer 'PALMITIC ACID'
3 water water
#
_entity_poly.entity_id   1
_entity_poly.type   'polypeptide(L)'
_entity_poly.pdbx_seq_one_letter_code
;HLELTEEQKAKVKVHFDECVKQEKVSEEEATKLRNKDYANPTPAMKCFGTCFFEKIGTLKDGVVQEAVVLEKLSPHFGEE
KVKAALDKCKNIKGADRCDTGFKIFECFEKAKDELGH
;
_entity_poly.pdbx_strand_id   A
#
# COMPACT_ATOMS: atom_id res chain seq x y z
N HIS A 1 7.02 14.25 -0.55
CA HIS A 1 6.25 13.05 -0.07
C HIS A 1 5.14 13.45 0.89
N LEU A 2 4.24 12.51 1.12
CA LEU A 2 3.16 12.66 2.06
C LEU A 2 3.64 13.10 3.44
N GLU A 3 3.05 14.19 3.90
CA GLU A 3 3.13 14.55 5.28
C GLU A 3 1.75 14.21 5.84
N LEU A 4 1.68 13.11 6.61
CA LEU A 4 0.41 12.62 7.13
C LEU A 4 -0.08 13.55 8.21
N THR A 5 -1.38 13.76 8.23
CA THR A 5 -2.01 14.54 9.28
C THR A 5 -2.07 13.63 10.54
N GLU A 6 -2.36 14.23 11.70
CA GLU A 6 -2.50 13.46 12.91
C GLU A 6 -3.66 12.47 12.76
N GLU A 7 -4.72 12.86 12.06
CA GLU A 7 -5.86 11.95 11.85
C GLU A 7 -5.38 10.74 11.02
N GLN A 8 -4.63 11.00 9.94
CA GLN A 8 -4.12 9.90 9.10
C GLN A 8 -3.16 9.01 9.88
N LYS A 9 -2.30 9.59 10.70
CA LYS A 9 -1.37 8.76 11.48
C LYS A 9 -2.14 7.79 12.38
N ALA A 10 -3.20 8.28 13.01
CA ALA A 10 -4.01 7.42 13.87
C ALA A 10 -4.67 6.29 13.06
N LYS A 11 -5.17 6.61 11.89
CA LYS A 11 -5.73 5.57 11.00
C LYS A 11 -4.69 4.55 10.57
N VAL A 12 -3.48 5.00 10.29
CA VAL A 12 -2.44 4.09 9.91
C VAL A 12 -2.24 3.05 11.03
N LYS A 13 -2.17 3.51 12.28
CA LYS A 13 -2.00 2.60 13.40
C LYS A 13 -3.17 1.63 13.54
N VAL A 14 -4.39 2.12 13.41
CA VAL A 14 -5.53 1.25 13.48
C VAL A 14 -5.45 0.15 12.43
N HIS A 15 -5.15 0.50 11.19
CA HIS A 15 -5.12 -0.50 10.10
C HIS A 15 -3.90 -1.39 10.22
N PHE A 16 -2.78 -0.86 10.70
CA PHE A 16 -1.61 -1.66 10.99
C PHE A 16 -2.00 -2.82 11.93
N ASP A 17 -2.63 -2.47 13.05
CA ASP A 17 -3.03 -3.48 14.01
C ASP A 17 -4.03 -4.48 13.42
N GLU A 18 -4.97 -3.98 12.63
CA GLU A 18 -5.94 -4.87 12.00
C GLU A 18 -5.24 -5.88 11.11
N CYS A 19 -4.27 -5.42 10.33
CA CYS A 19 -3.62 -6.30 9.36
C CYS A 19 -2.60 -7.23 9.94
N VAL A 20 -1.92 -6.82 11.01
CA VAL A 20 -1.04 -7.75 11.72
C VAL A 20 -1.85 -8.95 12.20
N LYS A 21 -3.04 -8.69 12.74
CA LYS A 21 -3.92 -9.76 13.20
C LYS A 21 -4.46 -10.59 12.02
N GLN A 22 -5.03 -9.92 11.03
CA GLN A 22 -5.73 -10.62 9.94
C GLN A 22 -4.79 -11.48 9.12
N GLU A 23 -3.57 -10.97 8.89
CA GLU A 23 -2.60 -11.69 8.06
C GLU A 23 -1.58 -12.50 8.88
N LYS A 24 -1.84 -12.62 10.19
CA LYS A 24 -1.06 -13.53 11.03
C LYS A 24 0.43 -13.23 10.97
N VAL A 25 0.75 -11.95 11.03
CA VAL A 25 2.12 -11.48 10.92
C VAL A 25 2.85 -11.78 12.23
N SER A 26 4.09 -12.30 12.15
CA SER A 26 4.83 -12.60 13.37
C SER A 26 5.27 -11.32 14.07
N GLU A 27 5.69 -11.44 15.32
CA GLU A 27 6.20 -10.27 16.05
C GLU A 27 7.40 -9.65 15.34
N GLU A 28 8.31 -10.47 14.86
CA GLU A 28 9.47 -9.96 14.16
C GLU A 28 9.10 -9.25 12.86
N GLU A 29 8.18 -9.86 12.12
CA GLU A 29 7.74 -9.26 10.87
C GLU A 29 7.03 -7.93 11.14
N ALA A 30 6.21 -7.89 12.17
CA ALA A 30 5.47 -6.66 12.53
C ALA A 30 6.43 -5.54 12.88
N THR A 31 7.50 -5.86 13.61
CA THR A 31 8.47 -4.82 13.96
C THR A 31 9.27 -4.34 12.74
N LYS A 32 9.60 -5.25 11.83
CA LYS A 32 10.16 -4.80 10.57
C LYS A 32 9.24 -3.84 9.88
N LEU A 33 7.97 -4.20 9.77
CA LEU A 33 7.01 -3.34 9.08
C LEU A 33 6.86 -1.97 9.74
N ARG A 34 6.80 -1.95 11.06
CA ARG A 34 6.69 -0.68 11.77
C ARG A 34 7.88 0.24 11.56
N ASN A 35 9.03 -0.36 11.30
CA ASN A 35 10.26 0.38 11.03
C ASN A 35 10.54 0.61 9.56
N LYS A 36 9.58 0.29 8.71
CA LYS A 36 9.71 0.48 7.26
C LYS A 36 10.86 -0.32 6.68
N ASP A 37 11.10 -1.50 7.26
CA ASP A 37 12.11 -2.42 6.73
C ASP A 37 11.46 -3.34 5.73
N TYR A 38 11.21 -2.80 4.54
CA TYR A 38 10.40 -3.46 3.53
C TYR A 38 11.17 -4.28 2.51
N ALA A 39 12.49 -4.20 2.50
CA ALA A 39 13.28 -4.90 1.51
C ALA A 39 13.09 -6.40 1.67
N ASN A 40 12.97 -7.07 0.54
CA ASN A 40 12.89 -8.52 0.54
C ASN A 40 11.85 -8.97 1.53
N PRO A 41 10.61 -8.49 1.35
CA PRO A 41 9.61 -8.87 2.32
C PRO A 41 9.34 -10.36 2.31
N THR A 42 8.96 -10.87 3.46
CA THR A 42 8.49 -12.23 3.58
C THR A 42 7.05 -12.35 3.02
N PRO A 43 6.56 -13.58 2.85
CA PRO A 43 5.18 -13.72 2.35
C PRO A 43 4.15 -13.03 3.24
N ALA A 44 4.29 -13.12 4.57
CA ALA A 44 3.32 -12.51 5.46
C ALA A 44 3.44 -10.99 5.42
N MET A 45 4.65 -10.45 5.19
CA MET A 45 4.76 -9.03 5.00
C MET A 45 4.06 -8.54 3.73
N LYS A 46 4.15 -9.33 2.65
CA LYS A 46 3.38 -9.00 1.45
C LYS A 46 1.89 -9.04 1.72
N CYS A 47 1.44 -10.04 2.48
CA CYS A 47 0.03 -10.06 2.81
C CYS A 47 -0.38 -8.90 3.70
N PHE A 48 0.47 -8.55 4.67
CA PHE A 48 0.22 -7.36 5.46
C PHE A 48 0.00 -6.13 4.58
N GLY A 49 0.89 -5.93 3.62
CA GLY A 49 0.79 -4.73 2.80
C GLY A 49 -0.48 -4.75 1.98
N THR A 50 -0.80 -5.91 1.40
CA THR A 50 -2.05 -6.06 0.67
C THR A 50 -3.25 -5.72 1.53
N CYS A 51 -3.27 -6.30 2.71
CA CYS A 51 -4.31 -6.00 3.68
C CYS A 51 -4.41 -4.50 3.97
N PHE A 52 -3.25 -3.85 4.14
CA PHE A 52 -3.26 -2.45 4.49
C PHE A 52 -3.96 -1.67 3.39
N PHE A 53 -3.56 -1.91 2.15
CA PHE A 53 -4.18 -1.21 1.03
C PHE A 53 -5.63 -1.52 0.83
N GLU A 54 -6.04 -2.72 1.21
CA GLU A 54 -7.47 -3.04 1.27
C GLU A 54 -8.19 -2.23 2.35
N LYS A 55 -7.61 -2.19 3.55
CA LYS A 55 -8.30 -1.53 4.66
C LYS A 55 -8.42 -0.01 4.46
N ILE A 56 -7.48 0.59 3.74
CA ILE A 56 -7.60 2.02 3.47
C ILE A 56 -8.44 2.30 2.22
N GLY A 57 -9.01 1.26 1.60
CA GLY A 57 -9.94 1.46 0.52
C GLY A 57 -9.32 1.61 -0.85
N THR A 58 -8.02 1.33 -1.01
CA THR A 58 -7.35 1.53 -2.27
C THR A 58 -7.26 0.28 -3.15
N LEU A 59 -7.55 -0.89 -2.60
CA LEU A 59 -7.40 -2.15 -3.30
C LEU A 59 -8.51 -3.08 -2.90
N LYS A 60 -9.13 -3.73 -3.88
CA LYS A 60 -10.19 -4.70 -3.57
C LYS A 60 -10.13 -5.81 -4.60
N ASP A 61 -9.94 -7.05 -4.16
CA ASP A 61 -9.90 -8.20 -5.11
C ASP A 61 -8.85 -7.99 -6.20
N GLY A 62 -7.71 -7.40 -5.83
CA GLY A 62 -6.64 -7.16 -6.76
C GLY A 62 -6.85 -5.98 -7.70
N VAL A 63 -7.95 -5.24 -7.51
CA VAL A 63 -8.30 -4.12 -8.39
C VAL A 63 -8.05 -2.81 -7.62
N VAL A 64 -7.32 -1.90 -8.25
CA VAL A 64 -7.05 -0.61 -7.64
C VAL A 64 -8.29 0.27 -7.66
N GLN A 65 -8.62 0.84 -6.51
CA GLN A 65 -9.81 1.69 -6.36
C GLN A 65 -9.40 3.13 -6.68
N GLU A 66 -9.60 3.51 -7.94
CA GLU A 66 -8.92 4.68 -8.47
C GLU A 66 -9.36 5.99 -7.81
N ALA A 67 -10.64 6.13 -7.51
CA ALA A 67 -11.10 7.36 -6.90
C ALA A 67 -10.47 7.57 -5.52
N VAL A 68 -10.28 6.49 -4.77
CA VAL A 68 -9.70 6.59 -3.45
C VAL A 68 -8.22 6.92 -3.54
N VAL A 69 -7.52 6.28 -4.46
CA VAL A 69 -6.12 6.60 -4.69
C VAL A 69 -5.98 8.08 -5.04
N LEU A 70 -6.81 8.56 -5.98
CA LEU A 70 -6.76 9.97 -6.33
C LEU A 70 -7.07 10.88 -5.14
N GLU A 71 -8.09 10.55 -4.38
CA GLU A 71 -8.43 11.39 -3.23
C GLU A 71 -7.26 11.52 -2.26
N LYS A 72 -6.58 10.41 -2.04
CA LYS A 72 -5.51 10.37 -1.06
C LYS A 72 -4.19 10.93 -1.55
N LEU A 73 -3.88 10.77 -2.84
CA LEU A 73 -2.58 11.14 -3.35
C LEU A 73 -2.54 12.39 -4.20
N SER A 74 -3.65 12.76 -4.84
CA SER A 74 -3.61 13.91 -5.76
C SER A 74 -3.19 15.22 -5.10
N PRO A 75 -3.71 15.53 -3.88
CA PRO A 75 -3.36 16.85 -3.34
C PRO A 75 -1.87 17.08 -3.21
N HIS A 76 -1.14 16.06 -2.78
CA HIS A 76 0.31 16.23 -2.61
C HIS A 76 1.10 15.97 -3.90
N PHE A 77 0.71 14.96 -4.67
CA PHE A 77 1.54 14.50 -5.80
C PHE A 77 1.11 15.08 -7.15
N GLY A 78 -0.10 15.62 -7.24
CA GLY A 78 -0.60 16.15 -8.51
C GLY A 78 -1.55 15.18 -9.17
N GLU A 79 -2.69 15.69 -9.61
CA GLU A 79 -3.72 14.83 -10.17
C GLU A 79 -3.24 14.08 -11.42
N GLU A 80 -2.68 14.81 -12.39
CA GLU A 80 -2.22 14.17 -13.58
C GLU A 80 -1.13 13.15 -13.29
N LYS A 81 -0.24 13.47 -12.36
CA LYS A 81 0.83 12.52 -12.00
C LYS A 81 0.28 11.23 -11.36
N VAL A 82 -0.74 11.36 -10.54
CA VAL A 82 -1.34 10.21 -9.92
C VAL A 82 -2.12 9.41 -10.98
N LYS A 83 -2.82 10.10 -11.89
CA LYS A 83 -3.53 9.39 -12.99
C LYS A 83 -2.55 8.63 -13.86
N ALA A 84 -1.36 9.20 -14.09
CA ALA A 84 -0.37 8.52 -14.89
C ALA A 84 0.14 7.28 -14.16
N ALA A 85 0.35 7.38 -12.85
CA ALA A 85 0.80 6.21 -12.08
C ALA A 85 -0.27 5.12 -12.05
N LEU A 86 -1.53 5.53 -11.95
CA LEU A 86 -2.63 4.57 -12.06
C LEU A 86 -2.61 3.86 -13.39
N ASP A 87 -2.41 4.62 -14.49
CA ASP A 87 -2.43 4.01 -15.79
C ASP A 87 -1.33 2.96 -15.93
N LYS A 88 -0.19 3.23 -15.33
CA LYS A 88 0.95 2.33 -15.41
C LYS A 88 0.92 1.15 -14.45
N CYS A 89 0.24 1.28 -13.32
CA CYS A 89 0.36 0.29 -12.27
C CYS A 89 -0.86 -0.52 -11.99
N LYS A 90 -2.02 -0.06 -12.41
CA LYS A 90 -3.23 -0.62 -11.85
C LYS A 90 -3.54 -2.02 -12.35
N ASN A 91 -2.93 -2.42 -13.49
CA ASN A 91 -3.21 -3.73 -14.08
C ASN A 91 -2.22 -4.81 -13.76
N ILE A 92 -1.29 -4.54 -12.88
CA ILE A 92 -0.29 -5.50 -12.52
C ILE A 92 -0.88 -6.66 -11.73
N LYS A 93 -0.48 -7.87 -12.15
CA LYS A 93 -0.85 -9.05 -11.43
C LYS A 93 0.36 -9.88 -11.05
N GLY A 94 0.31 -10.42 -9.85
CA GLY A 94 1.36 -11.29 -9.30
C GLY A 94 0.90 -12.71 -9.18
N ALA A 95 1.57 -13.47 -8.31
CA ALA A 95 1.39 -14.93 -8.23
C ALA A 95 0.14 -15.35 -7.45
N ASP A 96 -0.35 -14.47 -6.58
CA ASP A 96 -1.46 -14.71 -5.66
C ASP A 96 -1.91 -13.33 -5.13
N ARG A 97 -2.93 -13.31 -4.28
CA ARG A 97 -3.46 -12.05 -3.74
C ARG A 97 -2.34 -11.18 -3.17
N CYS A 98 -1.50 -11.78 -2.34
CA CYS A 98 -0.49 -10.99 -1.61
C CYS A 98 0.64 -10.52 -2.50
N ASP A 99 1.06 -11.37 -3.41
CA ASP A 99 2.09 -10.97 -4.36
C ASP A 99 1.59 -9.89 -5.33
N THR A 100 0.33 -9.98 -5.73
CA THR A 100 -0.29 -8.91 -6.53
C THR A 100 -0.28 -7.56 -5.82
N GLY A 101 -0.70 -7.56 -4.57
CA GLY A 101 -0.69 -6.30 -3.83
C GLY A 101 0.72 -5.74 -3.70
N PHE A 102 1.68 -6.63 -3.40
CA PHE A 102 3.07 -6.20 -3.32
C PHE A 102 3.58 -5.62 -4.64
N LYS A 103 3.29 -6.28 -5.76
CA LYS A 103 3.77 -5.81 -7.04
C LYS A 103 3.13 -4.48 -7.45
N ILE A 104 1.85 -4.30 -7.15
CA ILE A 104 1.22 -3.00 -7.42
C ILE A 104 1.88 -1.90 -6.60
N PHE A 105 2.07 -2.18 -5.32
CA PHE A 105 2.77 -1.22 -4.44
C PHE A 105 4.16 -0.87 -4.99
N GLU A 106 4.91 -1.87 -5.41
CA GLU A 106 6.25 -1.60 -5.94
C GLU A 106 6.21 -0.72 -7.18
N CYS A 107 5.18 -0.90 -8.00
CA CYS A 107 5.01 -0.08 -9.19
C CYS A 107 4.72 1.37 -8.79
N PHE A 108 3.84 1.57 -7.81
CA PHE A 108 3.58 2.95 -7.35
C PHE A 108 4.83 3.60 -6.74
N GLU A 109 5.62 2.80 -6.02
CA GLU A 109 6.86 3.33 -5.45
C GLU A 109 7.81 3.74 -6.56
N LYS A 110 7.88 2.95 -7.63
CA LYS A 110 8.72 3.30 -8.76
C LYS A 110 8.22 4.60 -9.40
N ALA A 111 6.91 4.75 -9.55
CA ALA A 111 6.33 5.97 -10.09
C ALA A 111 6.69 7.18 -9.23
N LYS A 112 6.65 7.00 -7.91
CA LYS A 112 7.03 8.06 -7.00
C LYS A 112 8.50 8.44 -7.20
N ASP A 113 9.36 7.44 -7.29
CA ASP A 113 10.78 7.66 -7.57
C ASP A 113 11.00 8.45 -8.86
N GLU A 114 10.19 8.18 -9.87
CA GLU A 114 10.33 8.80 -11.19
C GLU A 114 9.90 10.26 -11.24
N LEU A 115 9.28 10.73 -10.16
CA LEU A 115 9.01 12.14 -10.01
C LEU A 115 10.28 12.96 -9.87
#